data_3FPZ
#
_entry.id   3FPZ
#
_cell.length_a   140.696
_cell.length_b   140.696
_cell.length_c   73.325
_cell.angle_alpha   90.000
_cell.angle_beta   90.000
_cell.angle_gamma   90.000
#
_symmetry.space_group_name_H-M   'I 4'
#
loop_
_entity.id
_entity.type
_entity.pdbx_description
1 polymer 'Thiazole biosynthetic enzyme'
2 non-polymer 'ADENOSINE DIPHOSPHATE 5-(BETA-ETHYL)-4-METHYL-THIAZOLE-2-CARBOXYLIC ACID'
3 non-polymer 'SULFATE ION'
4 water water
#
_entity_poly.entity_id   1
_entity_poly.type   'polypeptide(L)'
_entity_poly.pdbx_seq_one_letter_code
;MSATSTATSTSASQLHLNSTPVTHCLSDIVKKEDWSDFKFAPIRESTVSRAMTSRYFKDLDKFAVSDVIIVGAGSSGLSA
AYVIAKNRPDLKVCIIESSVAPGGGSWLGGQLFSAMVMRKPAHLFLQELEIPYEDEGDYVVVKHAALFISTVLSKVLQLP
NVKLFNATCVEDLVTRPPTEKGEVTVAGVVTNWTLVTQAHGTQC(DHA)MDPNVIELAGYKNDGTRDLSQKHGVILSTTG
HDGPFGAFCAKRIVDIDQNQKLGGMKGLDMNHAEHDVVIHSGAYAGVDNMYFAGMEVAELDGLNRMGPTFGAMALSGVHA
AEQILKHFAA
;
_entity_poly.pdbx_strand_id   A,B
#
# COMPACT_ATOMS: atom_id res chain seq x y z
N HIS A 16 26.46 18.59 -13.84
CA HIS A 16 25.89 18.23 -15.17
C HIS A 16 25.38 16.79 -15.16
N LEU A 17 24.37 16.53 -14.33
CA LEU A 17 23.89 15.18 -14.03
C LEU A 17 23.69 14.28 -15.24
N ASN A 18 23.49 14.90 -16.40
CA ASN A 18 23.26 14.15 -17.63
C ASN A 18 24.49 13.42 -18.19
N SER A 19 25.66 13.65 -17.58
CA SER A 19 26.90 12.99 -18.00
C SER A 19 27.27 11.74 -17.19
N THR A 20 26.54 11.48 -16.09
CA THR A 20 26.77 10.29 -15.27
C THR A 20 26.32 9.00 -15.97
N PRO A 21 26.83 7.84 -15.52
CA PRO A 21 26.48 6.60 -16.22
C PRO A 21 25.06 6.11 -15.93
N VAL A 22 24.42 5.55 -16.96
CA VAL A 22 23.14 4.88 -16.81
C VAL A 22 23.42 3.50 -16.23
N THR A 23 23.07 3.29 -14.97
CA THR A 23 23.33 2.01 -14.30
C THR A 23 22.10 1.45 -13.60
N HIS A 24 22.01 0.12 -13.63
CA HIS A 24 20.91 -0.63 -13.06
C HIS A 24 21.41 -2.05 -12.75
N CYS A 25 20.52 -2.89 -12.21
CA CYS A 25 20.92 -4.19 -11.68
C CYS A 25 21.42 -5.19 -12.74
N LEU A 26 21.11 -4.94 -14.01
CA LEU A 26 21.50 -5.85 -15.09
C LEU A 26 22.55 -5.26 -16.05
N SER A 27 23.11 -4.11 -15.69
CA SER A 27 24.00 -3.36 -16.58
C SER A 27 25.22 -4.16 -17.03
N ASP A 28 25.74 -5.00 -16.15
CA ASP A 28 26.96 -5.76 -16.42
C ASP A 28 26.69 -7.14 -17.03
N ILE A 29 25.42 -7.57 -17.04
CA ILE A 29 25.07 -8.89 -17.58
C ILE A 29 24.29 -8.81 -18.90
N VAL A 30 23.55 -7.72 -19.10
CA VAL A 30 22.90 -7.45 -20.38
C VAL A 30 23.73 -6.45 -21.17
N LYS A 31 24.32 -6.94 -22.26
CA LYS A 31 25.33 -6.20 -23.00
C LYS A 31 24.86 -5.66 -24.36
N LYS A 32 23.83 -6.27 -24.95
CA LYS A 32 23.26 -5.79 -26.22
C LYS A 32 22.32 -4.60 -26.02
N GLU A 33 22.41 -3.63 -26.92
CA GLU A 33 21.54 -2.44 -26.90
C GLU A 33 20.04 -2.84 -26.96
N ASP A 34 19.73 -3.87 -27.74
CA ASP A 34 18.36 -4.30 -27.92
C ASP A 34 17.90 -5.35 -26.89
N TRP A 35 18.77 -5.64 -25.93
CA TRP A 35 18.52 -6.65 -24.88
C TRP A 35 18.36 -8.08 -25.41
N SER A 36 18.82 -8.35 -26.64
CA SER A 36 18.70 -9.71 -27.22
C SER A 36 19.43 -10.82 -26.46
N ASP A 37 20.45 -10.46 -25.67
CA ASP A 37 21.16 -11.42 -24.82
C ASP A 37 20.56 -11.60 -23.42
N PHE A 38 19.41 -10.97 -23.18
CA PHE A 38 18.68 -11.20 -21.92
C PHE A 38 18.01 -12.58 -21.93
N LYS A 39 18.04 -13.28 -20.79
CA LYS A 39 17.38 -14.59 -20.62
C LYS A 39 16.94 -14.84 -19.19
N PHE A 40 15.72 -15.35 -18.98
CA PHE A 40 15.31 -15.89 -17.68
C PHE A 40 15.72 -17.35 -17.56
N ALA A 41 15.94 -17.80 -16.32
CA ALA A 41 16.05 -19.23 -16.04
C ALA A 41 14.71 -19.92 -16.40
N PRO A 42 14.75 -21.17 -16.89
CA PRO A 42 13.52 -21.83 -17.40
C PRO A 42 12.56 -22.23 -16.26
N ILE A 43 11.27 -22.39 -16.60
CA ILE A 43 10.25 -22.74 -15.61
C ILE A 43 9.04 -23.49 -16.19
N ARG A 44 8.35 -24.25 -15.34
CA ARG A 44 7.05 -24.81 -15.71
C ARG A 44 5.94 -24.31 -14.77
N GLU A 45 4.73 -24.20 -15.31
CA GLU A 45 3.63 -23.50 -14.65
C GLU A 45 3.26 -24.12 -13.30
N SER A 46 3.23 -25.45 -13.23
CA SER A 46 2.96 -26.16 -11.98
C SER A 46 3.99 -25.88 -10.86
N THR A 47 5.23 -25.58 -11.22
CA THR A 47 6.24 -25.22 -10.20
C THR A 47 5.82 -23.91 -9.48
N VAL A 48 5.30 -22.97 -10.26
CA VAL A 48 4.87 -21.67 -9.70
C VAL A 48 3.63 -21.82 -8.80
N SER A 49 2.60 -22.52 -9.30
CA SER A 49 1.39 -22.81 -8.53
C SER A 49 1.75 -23.45 -7.17
N ARG A 50 2.53 -24.53 -7.21
CA ARG A 50 2.89 -25.28 -6.00
C ARG A 50 3.71 -24.44 -5.02
N ALA A 51 4.58 -23.57 -5.54
CA ALA A 51 5.37 -22.65 -4.68
C ALA A 51 4.48 -21.71 -3.88
N MET A 52 3.39 -21.23 -4.50
CA MET A 52 2.44 -20.32 -3.82
C MET A 52 1.49 -21.05 -2.87
N THR A 53 0.87 -22.14 -3.33
CA THR A 53 -0.15 -22.83 -2.52
C THR A 53 0.48 -23.47 -1.27
N SER A 54 1.65 -24.13 -1.45
CA SER A 54 2.32 -24.76 -0.31
C SER A 54 2.57 -23.77 0.83
N ARG A 55 3.05 -22.57 0.50
CA ARG A 55 3.32 -21.55 1.52
C ARG A 55 2.04 -21.03 2.18
N TYR A 56 0.96 -20.86 1.38
CA TYR A 56 -0.28 -20.33 1.97
C TYR A 56 -0.90 -21.32 2.93
N PHE A 57 -0.87 -22.61 2.60
CA PHE A 57 -1.49 -23.49 3.55
CA PHE A 57 -1.41 -23.64 3.53
C PHE A 57 -0.59 -23.72 4.80
N LYS A 58 0.74 -23.58 4.67
CA LYS A 58 1.59 -23.51 5.87
C LYS A 58 1.20 -22.34 6.79
N ASP A 59 0.85 -21.19 6.19
CA ASP A 59 0.38 -20.02 6.99
C ASP A 59 -0.94 -20.35 7.70
N LEU A 60 -1.87 -20.96 6.96
CA LEU A 60 -3.19 -21.29 7.51
C LEU A 60 -3.10 -22.30 8.66
N ASP A 61 -2.17 -23.25 8.53
CA ASP A 61 -1.88 -24.24 9.60
C ASP A 61 -1.27 -23.57 10.84
N LYS A 62 -0.19 -22.83 10.63
CA LYS A 62 0.56 -22.17 11.72
C LYS A 62 -0.30 -21.18 12.52
N PHE A 63 -1.03 -20.31 11.82
CA PHE A 63 -1.79 -19.25 12.46
C PHE A 63 -3.24 -19.62 12.83
N ALA A 64 -3.61 -20.89 12.64
CA ALA A 64 -4.95 -21.36 13.05
C ALA A 64 -5.17 -21.18 14.57
N VAL A 65 -4.07 -21.19 15.33
CA VAL A 65 -4.04 -20.68 16.70
C VAL A 65 -3.03 -19.51 16.73
N SER A 66 -3.49 -18.31 17.11
CA SER A 66 -2.61 -17.11 17.17
C SER A 66 -2.60 -16.49 18.57
N ASP A 67 -1.50 -15.78 18.88
CA ASP A 67 -1.34 -15.04 20.14
C ASP A 67 -2.04 -13.66 20.13
N VAL A 68 -1.85 -12.93 19.03
CA VAL A 68 -2.49 -11.62 18.83
C VAL A 68 -3.21 -11.62 17.47
N ILE A 69 -4.52 -11.35 17.49
CA ILE A 69 -5.32 -11.14 16.25
C ILE A 69 -5.62 -9.65 16.09
N ILE A 70 -5.09 -9.04 15.03
CA ILE A 70 -5.33 -7.62 14.76
C ILE A 70 -6.31 -7.50 13.60
N VAL A 71 -7.45 -6.86 13.87
CA VAL A 71 -8.52 -6.69 12.85
C VAL A 71 -8.48 -5.29 12.22
N GLY A 72 -8.01 -5.22 10.97
CA GLY A 72 -7.96 -3.97 10.24
C GLY A 72 -6.55 -3.39 10.14
N ALA A 73 -6.00 -3.37 8.91
CA ALA A 73 -4.62 -2.90 8.67
C ALA A 73 -4.51 -1.44 8.22
N GLY A 74 -5.10 -0.53 9.02
CA GLY A 74 -5.01 0.91 8.82
C GLY A 74 -3.83 1.48 9.61
N SER A 75 -3.80 2.80 9.78
CA SER A 75 -2.70 3.44 10.50
C SER A 75 -2.62 2.98 11.96
N SER A 76 -3.76 2.87 12.65
CA SER A 76 -3.71 2.46 14.07
C SER A 76 -3.29 1.00 14.26
N GLY A 77 -3.89 0.09 13.48
CA GLY A 77 -3.56 -1.33 13.52
C GLY A 77 -2.13 -1.68 13.15
N LEU A 78 -1.60 -1.05 12.09
CA LEU A 78 -0.22 -1.33 11.67
C LEU A 78 0.82 -0.74 12.64
N SER A 79 0.53 0.43 13.21
CA SER A 79 1.36 1.06 14.26
C SER A 79 1.46 0.14 15.49
N ALA A 80 0.33 -0.42 15.92
CA ALA A 80 0.30 -1.40 17.02
C ALA A 80 1.07 -2.68 16.66
N ALA A 81 0.85 -3.20 15.45
CA ALA A 81 1.58 -4.38 14.97
C ALA A 81 3.10 -4.17 15.05
N TYR A 82 3.58 -2.98 14.63
CA TYR A 82 5.02 -2.67 14.66
C TYR A 82 5.59 -2.78 16.08
N VAL A 83 4.92 -2.11 17.02
CA VAL A 83 5.41 -2.05 18.41
C VAL A 83 5.40 -3.42 19.10
N ILE A 84 4.29 -4.16 18.94
CA ILE A 84 4.13 -5.51 19.49
C ILE A 84 5.19 -6.48 18.95
N ALA A 85 5.31 -6.58 17.63
CA ALA A 85 6.18 -7.57 17.01
C ALA A 85 7.68 -7.31 17.22
N LYS A 86 8.08 -6.04 17.16
CA LYS A 86 9.46 -5.61 17.44
C LYS A 86 9.85 -5.95 18.88
N ASN A 87 8.98 -5.64 19.84
CA ASN A 87 9.20 -6.00 21.25
C ASN A 87 9.20 -7.51 21.53
N ARG A 88 8.27 -8.25 20.93
CA ARG A 88 8.14 -9.69 21.14
C ARG A 88 8.10 -10.48 19.82
N PRO A 89 9.28 -10.81 19.25
CA PRO A 89 9.35 -11.48 17.94
C PRO A 89 8.91 -12.93 17.98
N ASP A 90 8.65 -13.46 19.18
CA ASP A 90 8.23 -14.85 19.33
C ASP A 90 6.71 -15.04 19.17
N LEU A 91 5.93 -13.97 19.32
CA LEU A 91 4.47 -14.09 19.36
C LEU A 91 3.88 -14.17 17.96
N LYS A 92 2.88 -15.04 17.77
CA LYS A 92 2.21 -15.14 16.46
C LYS A 92 1.18 -14.00 16.32
N VAL A 93 1.49 -13.03 15.45
CA VAL A 93 0.67 -11.84 15.22
C VAL A 93 -0.02 -11.95 13.84
N CYS A 94 -1.35 -12.10 13.88
CA CYS A 94 -2.18 -12.42 12.72
C CYS A 94 -2.98 -11.17 12.36
N ILE A 95 -2.68 -10.56 11.21
CA ILE A 95 -3.34 -9.33 10.79
C ILE A 95 -4.37 -9.65 9.69
N ILE A 96 -5.64 -9.38 9.96
CA ILE A 96 -6.72 -9.68 9.00
C ILE A 96 -7.24 -8.38 8.39
N GLU A 97 -7.17 -8.26 7.07
CA GLU A 97 -7.54 -7.01 6.37
C GLU A 97 -8.51 -7.33 5.22
N SER A 98 -9.68 -6.69 5.24
CA SER A 98 -10.74 -6.99 4.24
C SER A 98 -10.40 -6.54 2.82
N SER A 99 -9.70 -5.42 2.67
CA SER A 99 -9.34 -4.91 1.31
C SER A 99 -8.18 -5.70 0.72
N VAL A 100 -8.03 -5.62 -0.61
CA VAL A 100 -6.83 -6.17 -1.25
C VAL A 100 -5.59 -5.38 -0.84
N ALA A 101 -5.65 -4.04 -0.95
CA ALA A 101 -4.55 -3.20 -0.50
C ALA A 101 -4.78 -2.89 0.99
N PRO A 102 -3.75 -3.15 1.84
CA PRO A 102 -3.79 -2.70 3.23
C PRO A 102 -3.54 -1.17 3.28
N GLY A 103 -3.68 -0.57 4.46
CA GLY A 103 -3.36 0.84 4.66
C GLY A 103 -4.52 1.73 5.06
N GLY A 104 -5.74 1.22 4.86
CA GLY A 104 -6.98 1.95 5.11
C GLY A 104 -7.07 3.37 4.58
N GLY A 105 -7.34 4.32 5.48
CA GLY A 105 -7.44 5.74 5.11
C GLY A 105 -6.15 6.54 5.04
N SER A 106 -5.02 5.87 5.08
CA SER A 106 -3.73 6.56 5.20
C SER A 106 -2.99 6.70 3.88
N TRP A 107 -3.68 6.50 2.76
CA TRP A 107 -3.03 6.75 1.45
C TRP A 107 -3.16 8.20 0.98
N LEU A 108 -4.00 8.98 1.66
CA LEU A 108 -4.29 10.39 1.33
C LEU A 108 -4.47 11.18 2.61
N GLY A 109 -4.31 12.51 2.50
CA GLY A 109 -4.76 13.45 3.52
C GLY A 109 -6.23 13.74 3.23
N GLY A 110 -6.64 15.00 3.36
CA GLY A 110 -8.06 15.31 3.24
C GLY A 110 -8.41 15.80 1.85
N GLN A 111 -9.66 15.57 1.44
CA GLN A 111 -10.18 16.09 0.18
C GLN A 111 -9.31 15.64 -1.02
N LEU A 112 -8.78 14.42 -0.93
CA LEU A 112 -7.88 13.81 -1.95
C LEU A 112 -6.48 14.49 -2.06
N PHE A 113 -6.17 15.39 -1.15
CA PHE A 113 -4.85 16.02 -1.12
C PHE A 113 -3.86 15.07 -0.38
N SER A 114 -2.55 15.38 -0.38
CA SER A 114 -1.53 14.38 -0.03
C SER A 114 -0.86 14.45 1.35
N ALA A 115 -0.60 15.69 1.81
CA ALA A 115 0.27 15.91 2.98
C ALA A 115 -0.36 15.35 4.26
N MET A 116 0.47 14.78 5.13
CA MET A 116 0.02 14.17 6.38
C MET A 116 0.54 14.98 7.57
N VAL A 117 -0.39 15.55 8.35
CA VAL A 117 -0.04 16.38 9.51
C VAL A 117 -0.05 15.51 10.75
N MET A 118 1.03 15.55 11.52
CA MET A 118 1.11 14.85 12.82
C MET A 118 1.55 15.84 13.91
N ARG A 119 0.71 16.04 14.91
CA ARG A 119 1.05 16.90 16.07
C ARG A 119 2.10 16.27 16.98
N LYS A 120 3.01 17.10 17.51
CA LYS A 120 3.98 16.59 18.48
C LYS A 120 3.25 16.11 19.75
N PRO A 121 3.69 14.98 20.36
CA PRO A 121 4.96 14.27 20.17
C PRO A 121 4.92 13.04 19.23
N ALA A 122 3.98 12.98 18.29
CA ALA A 122 3.94 11.88 17.31
C ALA A 122 5.18 11.85 16.38
N HIS A 123 5.88 12.98 16.27
CA HIS A 123 7.17 13.03 15.54
C HIS A 123 8.22 12.03 16.06
N LEU A 124 8.13 11.65 17.33
CA LEU A 124 9.04 10.65 17.92
C LEU A 124 8.84 9.24 17.31
N PHE A 125 7.61 8.95 16.89
CA PHE A 125 7.32 7.68 16.21
C PHE A 125 7.92 7.71 14.80
N LEU A 126 7.78 8.85 14.12
CA LEU A 126 8.40 9.03 12.79
C LEU A 126 9.92 8.91 12.84
N GLN A 127 10.54 9.47 13.90
CA GLN A 127 11.99 9.33 14.10
C GLN A 127 12.40 7.86 14.26
N GLU A 128 11.65 7.10 15.05
CA GLU A 128 11.90 5.66 15.22
C GLU A 128 11.88 4.89 13.90
N LEU A 129 10.92 5.24 13.04
CA LEU A 129 10.74 4.59 11.73
C LEU A 129 11.62 5.15 10.63
N GLU A 130 12.41 6.17 10.98
CA GLU A 130 13.26 6.94 10.06
C GLU A 130 12.50 7.59 8.90
N ILE A 131 11.26 8.04 9.17
CA ILE A 131 10.46 8.74 8.16
C ILE A 131 10.75 10.25 8.18
N PRO A 132 11.21 10.82 7.06
CA PRO A 132 11.51 12.26 7.01
C PRO A 132 10.25 13.12 7.10
N TYR A 133 10.41 14.35 7.59
CA TYR A 133 9.30 15.28 7.78
C TYR A 133 9.78 16.74 7.83
N GLU A 134 8.84 17.67 7.66
CA GLU A 134 9.10 19.11 7.82
C GLU A 134 8.59 19.53 9.18
N ASP A 135 9.48 20.09 10.01
CA ASP A 135 9.10 20.59 11.34
C ASP A 135 8.46 21.98 11.25
N GLU A 136 7.23 22.09 11.78
CA GLU A 136 6.49 23.36 11.77
C GLU A 136 6.23 23.93 13.17
N GLY A 137 6.94 23.43 14.17
CA GLY A 137 6.77 23.92 15.54
C GLY A 137 5.96 22.98 16.40
N ASP A 138 4.65 23.21 16.50
CA ASP A 138 3.79 22.34 17.32
C ASP A 138 3.35 21.05 16.58
N TYR A 139 3.62 21.00 15.27
CA TYR A 139 3.29 19.83 14.44
C TYR A 139 4.35 19.64 13.36
N VAL A 140 4.38 18.47 12.73
CA VAL A 140 5.27 18.18 11.61
C VAL A 140 4.45 17.66 10.40
N VAL A 141 5.05 17.66 9.21
CA VAL A 141 4.34 17.26 8.00
C VAL A 141 5.15 16.22 7.20
N VAL A 142 4.53 15.07 6.95
CA VAL A 142 5.09 14.06 6.04
C VAL A 142 4.57 14.38 4.63
N LYS A 143 5.48 14.41 3.64
CA LYS A 143 5.15 15.00 2.34
C LYS A 143 4.07 14.24 1.53
N HIS A 144 3.88 12.96 1.86
CA HIS A 144 2.74 12.18 1.33
C HIS A 144 2.36 11.17 2.39
N ALA A 145 1.07 11.10 2.70
CA ALA A 145 0.52 10.09 3.59
C ALA A 145 0.97 8.69 3.15
N ALA A 146 1.10 8.48 1.83
CA ALA A 146 1.53 7.18 1.29
C ALA A 146 2.96 6.77 1.74
N LEU A 147 3.81 7.76 1.98
CA LEU A 147 5.17 7.49 2.50
C LEU A 147 5.14 6.93 3.95
N PHE A 148 4.28 7.48 4.79
CA PHE A 148 4.10 6.92 6.14
C PHE A 148 3.65 5.46 6.10
N ILE A 149 2.53 5.20 5.43
CA ILE A 149 1.93 3.90 5.52
C ILE A 149 2.78 2.82 4.81
N SER A 150 3.41 3.14 3.67
CA SER A 150 4.25 2.14 2.98
C SER A 150 5.51 1.81 3.78
N THR A 151 6.08 2.80 4.46
CA THR A 151 7.24 2.56 5.34
C THR A 151 6.89 1.58 6.51
N VAL A 152 5.79 1.85 7.23
CA VAL A 152 5.40 0.96 8.33
C VAL A 152 5.11 -0.47 7.81
N LEU A 153 4.41 -0.56 6.68
CA LEU A 153 4.15 -1.87 6.04
C LEU A 153 5.42 -2.66 5.73
N SER A 154 6.38 -2.01 5.06
CA SER A 154 7.65 -2.65 4.71
C SER A 154 8.33 -3.22 5.96
N LYS A 155 8.32 -2.49 7.06
CA LYS A 155 9.01 -2.92 8.28
C LYS A 155 8.29 -4.02 9.06
N VAL A 156 6.97 -3.87 9.23
CA VAL A 156 6.12 -4.87 9.87
C VAL A 156 6.19 -6.25 9.15
N LEU A 157 6.11 -6.25 7.82
CA LEU A 157 5.99 -7.50 7.06
C LEU A 157 7.29 -8.33 7.08
N GLN A 158 8.42 -7.67 7.31
CA GLN A 158 9.71 -8.37 7.39
C GLN A 158 9.88 -9.25 8.63
N LEU A 159 9.08 -8.99 9.65
CA LEU A 159 9.20 -9.68 10.93
C LEU A 159 8.75 -11.14 10.86
N PRO A 160 9.45 -12.04 11.58
CA PRO A 160 9.37 -13.49 11.38
C PRO A 160 8.04 -14.17 11.73
N ASN A 161 7.31 -13.63 12.70
CA ASN A 161 6.07 -14.25 13.14
C ASN A 161 4.83 -13.37 12.91
N VAL A 162 4.96 -12.44 11.95
CA VAL A 162 3.82 -11.61 11.51
C VAL A 162 3.26 -12.20 10.21
N LYS A 163 1.92 -12.31 10.11
CA LYS A 163 1.26 -12.71 8.85
C LYS A 163 0.15 -11.72 8.50
N LEU A 164 0.17 -11.22 7.25
CA LEU A 164 -0.94 -10.41 6.72
C LEU A 164 -1.90 -11.25 5.84
N PHE A 165 -3.11 -11.52 6.34
CA PHE A 165 -4.19 -12.17 5.57
C PHE A 165 -5.05 -11.04 4.97
N ASN A 166 -4.60 -10.48 3.84
CA ASN A 166 -5.41 -9.49 3.10
C ASN A 166 -6.53 -10.16 2.25
N ALA A 167 -7.46 -9.35 1.74
CA ALA A 167 -8.66 -9.89 1.03
C ALA A 167 -9.53 -10.83 1.88
N THR A 168 -9.43 -10.69 3.20
CA THR A 168 -10.05 -11.60 4.18
C THR A 168 -10.76 -10.74 5.22
N CYS A 169 -12.02 -11.07 5.53
N CYS A 169 -11.99 -11.10 5.57
CA CYS A 169 -12.74 -10.26 6.49
CA CYS A 169 -12.87 -10.24 6.39
C CYS A 169 -13.12 -11.05 7.73
C CYS A 169 -13.44 -10.94 7.64
N VAL A 170 -13.25 -10.33 8.83
CA VAL A 170 -13.86 -10.88 10.05
C VAL A 170 -15.39 -10.62 10.00
N GLU A 171 -16.17 -11.70 10.10
CA GLU A 171 -17.63 -11.58 10.06
C GLU A 171 -18.35 -11.89 11.39
N ASP A 172 -17.60 -12.38 12.39
CA ASP A 172 -18.15 -12.62 13.72
C ASP A 172 -17.00 -12.87 14.72
N LEU A 173 -17.37 -12.99 16.00
CA LEU A 173 -16.43 -13.39 17.06
C LEU A 173 -16.64 -14.86 17.49
N VAL A 174 -15.55 -15.54 17.86
CA VAL A 174 -15.64 -16.81 18.56
C VAL A 174 -15.73 -16.47 20.05
N THR A 175 -16.69 -17.06 20.73
CA THR A 175 -16.90 -16.73 22.13
C THR A 175 -16.93 -17.97 23.03
N ARG A 176 -16.89 -17.72 24.34
CA ARG A 176 -17.17 -18.74 25.33
C ARG A 176 -18.26 -18.16 26.26
N PRO A 177 -18.92 -19.01 27.08
CA PRO A 177 -20.00 -18.55 27.98
C PRO A 177 -19.59 -17.45 28.96
N PRO A 178 -20.58 -16.64 29.40
CA PRO A 178 -20.38 -15.46 30.25
C PRO A 178 -19.51 -15.60 31.51
N THR A 179 -18.84 -14.48 31.80
CA THR A 179 -18.08 -14.14 33.02
C THR A 179 -16.71 -14.74 33.30
N GLU A 180 -15.73 -13.83 33.28
CA GLU A 180 -14.46 -13.94 34.00
C GLU A 180 -13.69 -12.60 34.00
N LYS A 181 -14.38 -11.44 34.04
CA LYS A 181 -15.84 -11.31 34.16
C LYS A 181 -16.48 -10.43 33.08
N GLY A 182 -17.78 -10.64 32.84
CA GLY A 182 -18.54 -9.91 31.83
C GLY A 182 -19.34 -10.80 30.90
N GLU A 183 -20.33 -10.22 30.21
CA GLU A 183 -21.23 -10.97 29.33
C GLU A 183 -20.51 -11.71 28.20
N VAL A 184 -19.68 -10.98 27.45
CA VAL A 184 -18.99 -11.52 26.28
C VAL A 184 -17.55 -11.94 26.65
N THR A 185 -17.15 -13.15 26.23
CA THR A 185 -15.81 -13.71 26.48
C THR A 185 -15.14 -14.14 25.14
N VAL A 186 -14.08 -13.48 24.69
CA VAL A 186 -13.53 -13.75 23.34
C VAL A 186 -12.49 -14.87 23.27
N ALA A 187 -12.56 -15.66 22.19
CA ALA A 187 -11.75 -16.86 22.01
C ALA A 187 -11.25 -17.05 20.58
N GLY A 188 -11.51 -16.08 19.72
CA GLY A 188 -11.12 -16.16 18.30
C GLY A 188 -11.99 -15.29 17.41
N VAL A 189 -11.79 -15.40 16.08
CA VAL A 189 -12.62 -14.68 15.11
C VAL A 189 -13.11 -15.63 14.00
N VAL A 190 -14.20 -15.24 13.35
CA VAL A 190 -14.83 -15.99 12.24
C VAL A 190 -14.51 -15.24 10.96
N THR A 191 -13.96 -15.95 9.96
CA THR A 191 -13.34 -15.33 8.79
C THR A 191 -13.90 -15.85 7.46
N ASN A 192 -13.83 -15.04 6.41
CA ASN A 192 -14.11 -15.51 5.07
C ASN A 192 -13.38 -14.63 4.06
N TRP A 193 -13.31 -15.05 2.79
CA TRP A 193 -12.89 -14.10 1.77
C TRP A 193 -13.88 -12.95 1.75
N THR A 194 -13.38 -11.72 1.62
CA THR A 194 -14.24 -10.53 1.63
C THR A 194 -15.34 -10.60 0.55
N LEU A 195 -14.95 -10.99 -0.66
CA LEU A 195 -15.91 -11.12 -1.76
C LEU A 195 -17.04 -12.14 -1.51
N VAL A 196 -16.77 -13.17 -0.71
CA VAL A 196 -17.81 -14.12 -0.29
C VAL A 196 -18.81 -13.48 0.69
N THR A 197 -18.29 -12.85 1.74
CA THR A 197 -19.12 -12.15 2.72
C THR A 197 -20.04 -11.10 2.08
N GLN A 198 -19.52 -10.43 1.04
CA GLN A 198 -20.25 -9.39 0.30
C GLN A 198 -21.11 -9.94 -0.84
N ALA A 199 -21.20 -11.27 -0.99
CA ALA A 199 -21.77 -11.90 -2.20
C ALA A 199 -23.30 -12.09 -2.23
N HIS A 200 -24.02 -10.99 -2.43
CA HIS A 200 -25.45 -11.05 -2.76
C HIS A 200 -25.59 -11.26 -4.27
N GLY A 201 -26.27 -12.34 -4.66
CA GLY A 201 -26.79 -13.33 -3.74
C GLY A 201 -26.72 -14.71 -4.38
N THR A 202 -25.51 -15.18 -4.64
CA THR A 202 -25.29 -16.53 -5.17
C THR A 202 -25.72 -17.59 -4.17
N GLN A 203 -25.74 -18.85 -4.60
CA GLN A 203 -26.07 -20.00 -3.75
C GLN A 203 -25.56 -19.81 -2.32
N CYS A 204 -26.48 -19.86 -1.36
CA CYS A 204 -26.13 -19.66 0.04
C CYS A 204 -26.60 -20.87 0.87
N MET A 206 -22.43 -19.93 1.76
CA MET A 206 -20.96 -20.23 1.75
C MET A 206 -20.38 -20.04 3.17
N ASP A 207 -20.20 -21.15 3.91
CA ASP A 207 -19.72 -21.15 5.31
C ASP A 207 -18.37 -20.42 5.50
N PRO A 208 -18.14 -19.90 6.72
CA PRO A 208 -16.85 -19.28 7.06
C PRO A 208 -15.82 -20.27 7.60
N ASN A 209 -14.61 -19.76 7.83
CA ASN A 209 -13.55 -20.47 8.57
C ASN A 209 -13.41 -19.82 9.96
N VAL A 210 -12.49 -20.33 10.77
CA VAL A 210 -12.28 -19.79 12.13
C VAL A 210 -10.77 -19.73 12.44
N ILE A 211 -10.37 -18.68 13.17
CA ILE A 211 -9.01 -18.59 13.75
C ILE A 211 -9.17 -18.48 15.26
N GLU A 212 -8.43 -19.32 16.00
CA GLU A 212 -8.58 -19.46 17.45
C GLU A 212 -7.47 -18.69 18.20
N LEU A 213 -7.78 -18.19 19.40
CA LEU A 213 -6.76 -17.56 20.28
C LEU A 213 -6.03 -18.61 21.13
N ALA A 214 -4.76 -18.35 21.46
CA ALA A 214 -3.97 -19.21 22.35
C ALA A 214 -4.69 -19.35 23.69
N GLY A 215 -4.58 -20.54 24.28
CA GLY A 215 -5.07 -20.75 25.66
C GLY A 215 -6.09 -21.85 25.95
N TYR A 216 -6.39 -22.70 24.95
CA TYR A 216 -7.42 -23.74 25.11
C TYR A 216 -6.88 -25.14 24.86
N LYS A 217 -7.52 -26.13 25.50
CA LYS A 217 -7.17 -27.55 25.33
C LYS A 217 -7.86 -28.15 24.09
N ASN A 218 -7.45 -29.36 23.70
CA ASN A 218 -8.06 -30.02 22.55
C ASN A 218 -9.53 -30.39 22.70
N ASP A 219 -10.03 -30.35 23.94
CA ASP A 219 -11.46 -30.55 24.22
C ASP A 219 -12.26 -29.23 24.19
N GLY A 220 -11.57 -28.13 23.88
CA GLY A 220 -12.19 -26.81 23.75
C GLY A 220 -12.30 -25.98 25.01
N THR A 221 -11.80 -26.51 26.12
CA THR A 221 -11.89 -25.80 27.42
C THR A 221 -10.61 -25.04 27.73
N ARG A 222 -10.72 -24.00 28.56
CA ARG A 222 -9.58 -23.17 28.97
C ARG A 222 -8.46 -23.98 29.63
N ASP A 223 -7.22 -23.66 29.25
CA ASP A 223 -6.02 -24.25 29.85
C ASP A 223 -5.28 -23.19 30.63
N LEU A 224 -5.43 -23.21 31.96
CA LEU A 224 -4.87 -22.18 32.83
C LEU A 224 -3.35 -22.10 32.89
N SER A 225 -2.66 -23.11 32.36
CA SER A 225 -1.19 -23.12 32.30
C SER A 225 -0.65 -22.32 31.11
N GLN A 226 -1.56 -21.80 30.27
CA GLN A 226 -1.16 -20.97 29.14
C GLN A 226 -1.73 -19.56 29.19
N LYS A 227 -0.92 -18.59 28.77
CA LYS A 227 -1.34 -17.21 28.60
C LYS A 227 -2.38 -17.15 27.49
N HIS A 228 -3.52 -16.50 27.76
CA HIS A 228 -4.62 -16.41 26.79
C HIS A 228 -4.22 -15.40 25.69
N GLY A 229 -4.54 -15.72 24.43
CA GLY A 229 -4.36 -14.74 23.35
C GLY A 229 -5.28 -13.52 23.44
N VAL A 230 -5.03 -12.50 22.61
CA VAL A 230 -5.89 -11.30 22.63
C VAL A 230 -6.33 -10.87 21.22
N ILE A 231 -7.45 -10.15 21.15
CA ILE A 231 -7.87 -9.47 19.90
C ILE A 231 -7.69 -7.96 20.04
N LEU A 232 -7.14 -7.33 19.01
CA LEU A 232 -7.11 -5.88 18.93
C LEU A 232 -7.92 -5.49 17.69
N SER A 233 -9.05 -4.80 17.90
CA SER A 233 -9.86 -4.29 16.76
C SER A 233 -9.56 -2.83 16.40
N THR A 234 -9.17 -2.62 15.14
CA THR A 234 -8.80 -1.29 14.60
C THR A 234 -9.45 -1.08 13.20
N THR A 235 -10.77 -1.22 13.14
CA THR A 235 -11.53 -1.20 11.88
C THR A 235 -12.09 0.18 11.50
N GLY A 236 -11.68 1.23 12.22
CA GLY A 236 -12.15 2.58 11.94
C GLY A 236 -13.60 2.84 12.33
N HIS A 237 -14.13 3.98 11.91
CA HIS A 237 -15.52 4.32 12.26
C HIS A 237 -16.55 4.02 11.15
N ASP A 238 -16.07 3.74 9.93
CA ASP A 238 -16.95 3.67 8.76
C ASP A 238 -16.49 2.74 7.63
N GLY A 239 -17.09 2.89 6.45
CA GLY A 239 -16.83 1.98 5.32
C GLY A 239 -17.85 0.85 5.28
N PRO A 240 -17.67 -0.09 4.32
CA PRO A 240 -18.58 -1.24 4.13
C PRO A 240 -18.72 -2.03 5.43
N PHE A 241 -17.59 -2.21 6.11
CA PHE A 241 -17.57 -2.64 7.50
C PHE A 241 -17.04 -1.40 8.23
N GLY A 242 -16.40 -1.57 9.37
CA GLY A 242 -16.02 -0.39 10.11
C GLY A 242 -16.75 -0.43 11.42
N ALA A 243 -15.98 -0.17 12.47
CA ALA A 243 -16.41 -0.34 13.85
C ALA A 243 -17.05 -1.72 14.04
N PHE A 244 -16.50 -2.72 13.33
CA PHE A 244 -17.10 -4.06 13.34
C PHE A 244 -17.20 -4.70 14.73
N CYS A 245 -16.07 -4.77 15.45
CA CYS A 245 -16.05 -5.49 16.72
C CYS A 245 -16.77 -4.71 17.82
N ALA A 246 -16.76 -3.39 17.70
CA ALA A 246 -17.51 -2.53 18.63
C ALA A 246 -19.00 -2.84 18.53
N LYS A 247 -19.52 -2.86 17.31
CA LYS A 247 -20.94 -3.11 17.06
C LYS A 247 -21.35 -4.53 17.46
N ARG A 248 -20.47 -5.51 17.22
CA ARG A 248 -20.78 -6.91 17.53
C ARG A 248 -20.83 -7.19 19.04
N ILE A 249 -19.91 -6.57 19.80
CA ILE A 249 -19.92 -6.70 21.26
C ILE A 249 -21.20 -6.08 21.85
N VAL A 250 -21.52 -4.88 21.37
CA VAL A 250 -22.73 -4.14 21.76
C VAL A 250 -24.02 -4.88 21.40
N ASP A 251 -24.01 -5.61 20.28
CA ASP A 251 -25.16 -6.40 19.84
C ASP A 251 -25.42 -7.61 20.74
N ILE A 252 -24.35 -8.35 21.06
CA ILE A 252 -24.45 -9.54 21.91
C ILE A 252 -24.80 -9.15 23.35
N ASP A 253 -24.04 -8.20 23.90
CA ASP A 253 -24.26 -7.72 25.27
C ASP A 253 -25.36 -6.65 25.32
N GLN A 254 -26.50 -7.01 25.90
CA GLN A 254 -27.67 -6.14 25.91
C GLN A 254 -27.54 -4.95 26.87
N ASN A 255 -26.62 -5.04 27.84
CA ASN A 255 -26.36 -3.92 28.76
C ASN A 255 -25.18 -3.02 28.33
N GLN A 256 -24.77 -3.15 27.07
CA GLN A 256 -23.73 -2.30 26.49
C GLN A 256 -24.15 -1.70 25.15
N LYS A 257 -24.03 -0.38 25.04
CA LYS A 257 -24.45 0.35 23.84
C LYS A 257 -23.32 1.16 23.20
N LEU A 258 -23.45 1.46 21.91
CA LEU A 258 -22.49 2.32 21.19
C LEU A 258 -22.64 3.76 21.63
N GLY A 259 -21.51 4.40 21.96
CA GLY A 259 -21.52 5.83 22.28
C GLY A 259 -21.90 6.68 21.09
N GLY A 260 -21.41 6.31 19.91
CA GLY A 260 -21.66 7.06 18.68
C GLY A 260 -20.75 8.26 18.54
N MET A 261 -19.98 8.28 17.46
CA MET A 261 -19.01 9.36 17.19
C MET A 261 -19.71 10.71 17.09
N LYS A 262 -19.11 11.74 17.72
CA LYS A 262 -19.67 13.10 17.72
C LYS A 262 -19.02 13.97 16.63
N GLY A 263 -19.26 15.28 16.71
CA GLY A 263 -18.70 16.26 15.76
C GLY A 263 -17.19 16.41 15.82
N LEU A 264 -16.63 17.13 14.85
CA LEU A 264 -15.18 17.31 14.76
C LEU A 264 -14.63 18.37 15.72
N ASP A 265 -13.63 18.00 16.51
CA ASP A 265 -12.97 18.91 17.46
C ASP A 265 -11.57 18.36 17.72
N MET A 266 -10.55 18.92 17.06
CA MET A 266 -9.21 18.27 17.05
C MET A 266 -8.55 18.15 18.42
N ASN A 267 -8.61 19.23 19.21
CA ASN A 267 -7.98 19.21 20.53
C ASN A 267 -8.55 18.08 21.40
N HIS A 268 -9.87 18.03 21.52
CA HIS A 268 -10.51 16.98 22.33
C HIS A 268 -10.48 15.58 21.72
N ALA A 269 -10.71 15.47 20.41
CA ALA A 269 -10.71 14.15 19.76
C ALA A 269 -9.38 13.40 19.93
N GLU A 270 -8.27 14.07 19.59
CA GLU A 270 -6.97 13.38 19.56
C GLU A 270 -6.55 12.98 20.97
N HIS A 271 -6.73 13.88 21.93
CA HIS A 271 -6.47 13.54 23.34
C HIS A 271 -7.27 12.30 23.78
N ASP A 272 -8.58 12.35 23.60
CA ASP A 272 -9.48 11.30 24.11
C ASP A 272 -9.26 9.96 23.38
N VAL A 273 -9.05 9.99 22.07
CA VAL A 273 -8.80 8.73 21.36
C VAL A 273 -7.53 8.01 21.88
N VAL A 274 -6.45 8.74 22.10
CA VAL A 274 -5.20 8.12 22.61
C VAL A 274 -5.44 7.51 24.02
N ILE A 275 -6.01 8.30 24.91
CA ILE A 275 -6.22 7.86 26.31
C ILE A 275 -7.19 6.68 26.47
N HIS A 276 -8.29 6.70 25.71
CA HIS A 276 -9.31 5.64 25.74
C HIS A 276 -8.92 4.34 25.05
N SER A 277 -7.88 4.38 24.19
CA SER A 277 -7.40 3.15 23.55
C SER A 277 -6.84 2.12 24.55
N GLY A 278 -6.85 0.85 24.15
CA GLY A 278 -6.45 -0.24 25.03
C GLY A 278 -7.57 -1.19 25.43
N ALA A 279 -7.44 -1.79 26.62
CA ALA A 279 -8.36 -2.82 27.10
C ALA A 279 -9.79 -2.31 27.22
N TYR A 280 -10.73 -3.09 26.71
CA TYR A 280 -12.15 -2.79 26.85
C TYR A 280 -12.68 -3.39 28.16
N ALA A 281 -13.28 -2.54 28.99
CA ALA A 281 -13.95 -2.99 30.23
C ALA A 281 -15.27 -3.67 29.93
N GLY A 282 -15.46 -4.88 30.44
CA GLY A 282 -16.68 -5.64 30.16
C GLY A 282 -16.44 -6.90 29.37
N VAL A 283 -15.44 -6.86 28.48
CA VAL A 283 -14.98 -8.05 27.76
C VAL A 283 -13.49 -8.27 28.04
N ASP A 284 -13.15 -9.47 28.47
CA ASP A 284 -11.78 -9.85 28.77
C ASP A 284 -11.01 -10.13 27.47
N ASN A 285 -9.71 -9.84 27.46
CA ASN A 285 -8.79 -10.14 26.33
C ASN A 285 -9.14 -9.41 25.01
N MET A 286 -9.85 -8.29 25.13
CA MET A 286 -10.35 -7.50 24.01
C MET A 286 -9.79 -6.08 24.11
N TYR A 287 -9.21 -5.59 23.01
CA TYR A 287 -8.58 -4.28 22.97
C TYR A 287 -9.04 -3.52 21.72
N PHE A 288 -8.98 -2.18 21.80
CA PHE A 288 -9.36 -1.28 20.70
C PHE A 288 -8.35 -0.14 20.48
N ALA A 289 -8.18 0.29 19.22
CA ALA A 289 -7.46 1.54 18.93
C ALA A 289 -8.04 2.28 17.70
N GLY A 290 -7.56 3.50 17.45
CA GLY A 290 -7.95 4.29 16.27
C GLY A 290 -9.38 4.77 16.36
N MET A 291 -9.96 5.15 15.21
CA MET A 291 -11.31 5.73 15.22
C MET A 291 -12.46 4.81 15.70
N GLU A 292 -12.25 3.48 15.73
CA GLU A 292 -13.22 2.56 16.32
C GLU A 292 -13.50 2.90 17.80
N VAL A 293 -12.47 3.35 18.52
CA VAL A 293 -12.60 3.79 19.92
C VAL A 293 -13.60 4.97 20.04
N ALA A 294 -13.57 5.89 19.08
CA ALA A 294 -14.47 7.05 19.10
C ALA A 294 -15.93 6.66 18.89
N GLU A 295 -16.16 5.65 18.06
CA GLU A 295 -17.50 5.10 17.86
C GLU A 295 -18.01 4.42 19.14
N LEU A 296 -17.16 3.58 19.73
CA LEU A 296 -17.50 2.81 20.93
C LEU A 296 -17.80 3.69 22.14
N ASP A 297 -16.92 4.67 22.40
CA ASP A 297 -16.96 5.49 23.61
C ASP A 297 -17.64 6.87 23.44
N GLY A 298 -18.20 7.12 22.26
CA GLY A 298 -18.87 8.41 21.98
C GLY A 298 -17.97 9.64 22.04
N LEU A 299 -16.85 9.59 21.31
CA LEU A 299 -15.86 10.67 21.31
C LEU A 299 -15.93 11.52 20.02
N ASN A 300 -15.29 12.69 20.05
CA ASN A 300 -15.22 13.58 18.87
C ASN A 300 -14.41 12.95 17.74
N ARG A 301 -14.59 13.44 16.51
CA ARG A 301 -13.70 13.04 15.40
C ARG A 301 -12.63 14.12 15.16
N MET A 302 -11.61 13.82 14.36
CA MET A 302 -10.54 14.80 14.12
C MET A 302 -10.25 15.14 12.65
N GLY A 303 -10.78 14.36 11.72
CA GLY A 303 -10.53 14.63 10.30
C GLY A 303 -9.08 14.46 9.89
N PRO A 304 -8.52 15.42 9.14
CA PRO A 304 -7.28 15.18 8.38
C PRO A 304 -5.98 15.42 9.17
N THR A 305 -5.87 14.79 10.33
CA THR A 305 -4.66 14.84 11.17
C THR A 305 -4.49 13.43 11.77
N PHE A 306 -3.25 12.97 11.92
CA PHE A 306 -2.95 11.53 12.03
C PHE A 306 -2.11 11.10 13.26
N GLY A 307 -1.71 12.06 14.07
CA GLY A 307 -0.90 11.74 15.25
C GLY A 307 -1.59 10.79 16.21
N ALA A 308 -2.89 11.00 16.46
CA ALA A 308 -3.65 10.13 17.37
C ALA A 308 -3.83 8.69 16.87
N MET A 309 -3.87 8.50 15.55
CA MET A 309 -3.97 7.13 15.03
C MET A 309 -2.71 6.34 15.38
N ALA A 310 -1.54 6.91 15.10
CA ALA A 310 -0.27 6.24 15.42
C ALA A 310 -0.10 6.03 16.93
N LEU A 311 -0.30 7.10 17.71
CA LEU A 311 -0.05 7.02 19.16
C LEU A 311 -1.08 6.20 19.93
N SER A 312 -2.33 6.14 19.44
CA SER A 312 -3.32 5.21 20.00
C SER A 312 -2.93 3.75 19.78
N GLY A 313 -2.32 3.44 18.64
CA GLY A 313 -1.75 2.11 18.41
C GLY A 313 -0.60 1.79 19.38
N VAL A 314 0.23 2.78 19.65
CA VAL A 314 1.35 2.63 20.60
C VAL A 314 0.80 2.31 22.00
N HIS A 315 -0.20 3.08 22.45
CA HIS A 315 -0.82 2.84 23.79
C HIS A 315 -1.43 1.44 23.93
N ALA A 316 -2.25 1.03 22.95
CA ALA A 316 -2.78 -0.34 22.95
C ALA A 316 -1.67 -1.39 22.98
N ALA A 317 -0.61 -1.18 22.17
CA ALA A 317 0.53 -2.10 22.14
C ALA A 317 1.21 -2.23 23.53
N GLU A 318 1.36 -1.11 24.22
CA GLU A 318 1.95 -1.16 25.58
C GLU A 318 1.14 -2.09 26.48
N GLN A 319 -0.20 -1.92 26.49
CA GLN A 319 -1.08 -2.71 27.36
C GLN A 319 -1.07 -4.20 26.99
N ILE A 320 -1.05 -4.49 25.69
CA ILE A 320 -0.95 -5.86 25.22
C ILE A 320 0.39 -6.51 25.61
N LEU A 321 1.48 -5.78 25.44
CA LEU A 321 2.83 -6.29 25.79
C LEU A 321 2.94 -6.59 27.30
N LYS A 322 2.31 -5.74 28.11
CA LYS A 322 2.26 -5.98 29.57
C LYS A 322 1.46 -7.22 29.96
N HIS A 323 0.37 -7.51 29.24
CA HIS A 323 -0.37 -8.77 29.39
C HIS A 323 0.53 -10.00 29.18
N PHE A 324 1.38 -9.96 28.15
CA PHE A 324 2.23 -11.11 27.81
C PHE A 324 3.53 -11.21 28.62
N ALA A 325 3.88 -10.13 29.34
CA ALA A 325 5.10 -10.13 30.16
C ALA A 325 4.89 -10.99 31.39
N ALA A 326 3.67 -10.94 31.92
CA ALA A 326 3.18 -11.77 33.02
C ALA A 326 1.82 -11.21 33.43
N HIS B 16 11.33 -17.68 28.63
CA HIS B 16 11.21 -16.30 29.18
C HIS B 16 11.81 -15.24 28.24
N LEU B 17 10.97 -14.59 27.44
CA LEU B 17 11.38 -13.45 26.62
C LEU B 17 10.47 -12.40 27.09
N ASN B 18 9.58 -12.89 27.91
CA ASN B 18 8.55 -12.12 28.48
C ASN B 18 9.10 -11.29 29.62
N SER B 19 10.41 -11.29 29.78
CA SER B 19 11.02 -10.54 30.86
C SER B 19 11.79 -9.27 30.48
N THR B 20 12.07 -9.09 29.19
CA THR B 20 12.57 -7.84 28.62
C THR B 20 11.61 -6.74 28.82
N PRO B 21 12.03 -5.54 28.58
CA PRO B 21 11.21 -4.44 29.00
C PRO B 21 10.26 -4.08 27.90
N VAL B 22 9.13 -3.51 28.26
CA VAL B 22 8.23 -2.97 27.30
C VAL B 22 8.65 -1.57 26.98
N THR B 23 9.08 -1.39 25.74
CA THR B 23 9.62 -0.12 25.27
C THR B 23 8.97 0.38 23.99
N HIS B 24 8.71 1.69 23.95
CA HIS B 24 8.19 2.39 22.77
C HIS B 24 8.67 3.85 22.77
N CYS B 25 8.24 4.61 21.75
CA CYS B 25 8.74 5.98 21.54
C CYS B 25 8.35 6.98 22.64
N LEU B 26 7.33 6.66 23.45
CA LEU B 26 6.87 7.57 24.51
C LEU B 26 7.18 7.06 25.94
N SER B 27 7.96 5.99 26.03
CA SER B 27 8.21 5.29 27.31
C SER B 27 8.78 6.19 28.40
N ASP B 28 9.64 7.13 28.00
CA ASP B 28 10.31 8.03 28.96
C ASP B 28 9.58 9.36 29.19
N ILE B 29 8.51 9.62 28.43
CA ILE B 29 7.75 10.88 28.52
C ILE B 29 6.36 10.67 29.13
N VAL B 30 5.76 9.51 28.88
CA VAL B 30 4.49 9.14 29.48
C VAL B 30 4.75 8.22 30.66
N LYS B 31 4.48 8.74 31.85
CA LYS B 31 4.84 8.10 33.11
C LYS B 31 3.68 7.48 33.90
N LYS B 32 2.47 7.98 33.73
CA LYS B 32 1.29 7.41 34.41
C LYS B 32 0.81 6.15 33.69
N GLU B 33 0.48 5.12 34.47
CA GLU B 33 -0.04 3.87 33.91
C GLU B 33 -1.27 4.10 33.05
N ASP B 34 -2.12 5.04 33.45
CA ASP B 34 -3.35 5.32 32.73
C ASP B 34 -3.18 6.33 31.59
N TRP B 35 -1.93 6.72 31.32
CA TRP B 35 -1.56 7.71 30.29
C TRP B 35 -2.12 9.12 30.56
N SER B 36 -2.58 9.38 31.79
CA SER B 36 -3.18 10.69 32.14
C SER B 36 -2.25 11.89 31.97
N ASP B 37 -0.94 11.67 31.99
CA ASP B 37 0.06 12.72 31.77
C ASP B 37 0.44 12.91 30.29
N PHE B 38 -0.25 12.21 29.39
CA PHE B 38 -0.07 12.42 27.94
C PHE B 38 -0.76 13.71 27.47
N LYS B 39 -0.09 14.47 26.60
CA LYS B 39 -0.65 15.68 25.99
C LYS B 39 -0.10 15.92 24.58
N PHE B 40 -0.96 16.32 23.63
CA PHE B 40 -0.50 16.88 22.35
C PHE B 40 -0.28 18.38 22.47
N ALA B 41 0.62 18.92 21.65
CA ALA B 41 0.71 20.37 21.47
C ALA B 41 -0.60 20.87 20.82
N PRO B 42 -1.08 22.07 21.22
CA PRO B 42 -2.43 22.48 20.80
C PRO B 42 -2.49 22.83 19.31
N ILE B 43 -3.70 22.92 18.77
CA ILE B 43 -3.87 23.24 17.35
C ILE B 43 -5.23 23.88 16.99
N ARG B 44 -5.25 24.57 15.85
CA ARG B 44 -6.44 25.20 15.27
C ARG B 44 -6.75 24.48 13.96
N GLU B 45 -8.03 24.20 13.69
CA GLU B 45 -8.44 23.40 12.52
C GLU B 45 -7.97 24.04 11.19
N SER B 46 -8.08 25.36 11.07
CA SER B 46 -7.59 26.05 9.86
C SER B 46 -6.07 25.91 9.61
N THR B 47 -5.28 25.73 10.68
CA THR B 47 -3.84 25.50 10.52
C THR B 47 -3.59 24.19 9.75
N VAL B 48 -4.36 23.17 10.10
CA VAL B 48 -4.26 21.84 9.46
C VAL B 48 -4.66 21.92 7.99
N SER B 49 -5.82 22.51 7.72
CA SER B 49 -6.30 22.71 6.34
C SER B 49 -5.29 23.43 5.48
N ARG B 50 -4.79 24.58 5.95
CA ARG B 50 -3.82 25.38 5.18
C ARG B 50 -2.49 24.65 4.95
N ALA B 51 -2.05 23.85 5.93
CA ALA B 51 -0.83 23.04 5.78
C ALA B 51 -0.92 22.05 4.59
N MET B 52 -2.09 21.41 4.43
CA MET B 52 -2.31 20.45 3.33
C MET B 52 -2.52 21.13 1.99
N THR B 53 -3.40 22.12 1.94
CA THR B 53 -3.76 22.75 0.67
C THR B 53 -2.59 23.52 0.06
N SER B 54 -1.86 24.27 0.87
CA SER B 54 -0.68 25.00 0.39
C SER B 54 0.31 24.06 -0.32
N ARG B 55 0.57 22.90 0.28
CA ARG B 55 1.53 21.94 -0.30
C ARG B 55 0.99 21.31 -1.60
N TYR B 56 -0.31 21.03 -1.64
CA TYR B 56 -0.88 20.41 -2.86
C TYR B 56 -0.85 21.36 -4.04
N PHE B 57 -1.14 22.64 -3.82
CA PHE B 57 -1.08 23.65 -4.92
CA PHE B 57 -1.12 23.51 -4.97
C PHE B 57 0.34 23.85 -5.38
N LYS B 58 1.30 23.83 -4.45
CA LYS B 58 2.73 23.88 -4.85
C LYS B 58 3.09 22.72 -5.78
N ASP B 59 2.56 21.52 -5.49
CA ASP B 59 2.81 20.34 -6.36
C ASP B 59 2.16 20.57 -7.74
N LEU B 60 0.91 21.04 -7.76
CA LEU B 60 0.21 21.25 -9.03
C LEU B 60 0.91 22.30 -9.90
N ASP B 61 1.46 23.33 -9.26
CA ASP B 61 2.22 24.40 -9.97
C ASP B 61 3.54 23.85 -10.53
N LYS B 62 4.32 23.18 -9.68
CA LYS B 62 5.65 22.64 -10.05
C LYS B 62 5.60 21.60 -11.17
N PHE B 63 4.68 20.65 -11.04
CA PHE B 63 4.59 19.54 -11.99
C PHE B 63 3.65 19.77 -13.18
N ALA B 64 3.12 20.99 -13.32
CA ALA B 64 2.27 21.31 -14.49
C ALA B 64 3.06 21.18 -15.79
N VAL B 65 4.39 21.35 -15.69
CA VAL B 65 5.32 20.91 -16.75
C VAL B 65 6.23 19.84 -16.11
N SER B 66 6.25 18.64 -16.69
CA SER B 66 7.04 17.52 -16.14
C SER B 66 8.01 16.93 -17.18
N ASP B 67 9.12 16.36 -16.70
CA ASP B 67 10.10 15.67 -17.57
C ASP B 67 9.71 14.23 -17.94
N VAL B 68 9.24 13.46 -16.94
CA VAL B 68 8.74 12.09 -17.15
C VAL B 68 7.35 11.98 -16.53
N ILE B 69 6.35 11.60 -17.34
CA ILE B 69 4.99 11.26 -16.84
C ILE B 69 4.80 9.74 -16.85
N ILE B 70 4.64 9.13 -15.68
CA ILE B 70 4.42 7.66 -15.62
C ILE B 70 2.93 7.44 -15.33
N VAL B 71 2.26 6.69 -16.21
CA VAL B 71 0.82 6.40 -16.04
C VAL B 71 0.61 4.98 -15.46
N GLY B 72 0.19 4.91 -14.19
CA GLY B 72 -0.06 3.62 -13.56
C GLY B 72 1.04 3.21 -12.59
N ALA B 73 0.72 3.23 -11.29
CA ALA B 73 1.69 2.90 -10.23
C ALA B 73 1.62 1.44 -9.74
N GLY B 74 1.74 0.49 -10.67
CA GLY B 74 1.79 -0.94 -10.35
C GLY B 74 3.25 -1.36 -10.30
N SER B 75 3.51 -2.67 -10.38
CA SER B 75 4.88 -3.18 -10.25
C SER B 75 5.82 -2.65 -11.33
N SER B 76 5.37 -2.62 -12.58
CA SER B 76 6.26 -2.16 -13.67
C SER B 76 6.52 -0.67 -13.61
N GLY B 77 5.48 0.13 -13.39
CA GLY B 77 5.62 1.58 -13.28
C GLY B 77 6.48 2.04 -12.11
N LEU B 78 6.29 1.44 -10.93
CA LEU B 78 7.08 1.83 -9.75
C LEU B 78 8.55 1.38 -9.85
N SER B 79 8.79 0.21 -10.45
CA SER B 79 10.15 -0.30 -10.72
C SER B 79 10.91 0.67 -11.64
N ALA B 80 10.25 1.11 -12.72
CA ALA B 80 10.82 2.13 -13.62
C ALA B 80 11.05 3.49 -12.93
N ALA B 81 10.08 3.93 -12.10
CA ALA B 81 10.26 5.16 -11.33
C ALA B 81 11.50 5.11 -10.44
N TYR B 82 11.73 3.98 -9.77
CA TYR B 82 12.90 3.81 -8.88
C TYR B 82 14.22 4.02 -9.63
N VAL B 83 14.35 3.31 -10.75
CA VAL B 83 15.58 3.36 -11.54
C VAL B 83 15.85 4.75 -12.15
N ILE B 84 14.82 5.37 -12.74
CA ILE B 84 14.91 6.72 -13.32
C ILE B 84 15.31 7.76 -12.26
N ALA B 85 14.55 7.81 -11.16
CA ALA B 85 14.76 8.84 -10.15
C ALA B 85 16.09 8.73 -9.39
N LYS B 86 16.49 7.51 -9.05
CA LYS B 86 17.79 7.23 -8.40
C LYS B 86 18.95 7.69 -9.30
N ASN B 87 18.88 7.35 -10.59
CA ASN B 87 19.91 7.75 -11.56
C ASN B 87 19.93 9.26 -11.82
N ARG B 88 18.75 9.89 -11.89
CA ARG B 88 18.64 11.33 -12.22
C ARG B 88 17.68 12.04 -11.26
N PRO B 89 18.19 12.44 -10.07
CA PRO B 89 17.35 13.07 -9.04
C PRO B 89 16.89 14.47 -9.39
N ASP B 90 17.42 15.04 -10.46
CA ASP B 90 17.07 16.38 -10.91
C ASP B 90 15.80 16.41 -11.76
N LEU B 91 15.42 15.26 -12.34
CA LEU B 91 14.30 15.21 -13.30
C LEU B 91 12.96 15.19 -12.57
N LYS B 92 11.99 15.96 -13.06
CA LYS B 92 10.62 15.96 -12.47
C LYS B 92 9.84 14.73 -12.97
N VAL B 93 9.63 13.76 -12.07
CA VAL B 93 8.94 12.49 -12.36
C VAL B 93 7.56 12.50 -11.70
N CYS B 94 6.53 12.54 -12.54
CA CYS B 94 5.12 12.73 -12.15
C CYS B 94 4.39 11.40 -12.33
N ILE B 95 3.98 10.77 -11.23
CA ILE B 95 3.32 9.46 -11.27
C ILE B 95 1.81 9.64 -11.06
N ILE B 96 1.02 9.24 -12.07
CA ILE B 96 -0.45 9.42 -12.03
C ILE B 96 -1.10 8.04 -11.82
N GLU B 97 -1.85 7.90 -10.71
CA GLU B 97 -2.46 6.61 -10.34
C GLU B 97 -3.97 6.78 -10.05
N SER B 98 -4.80 6.03 -10.77
CA SER B 98 -6.27 6.19 -10.67
C SER B 98 -6.85 5.71 -9.32
N SER B 99 -6.27 4.67 -8.73
CA SER B 99 -6.80 4.15 -7.44
C SER B 99 -6.35 5.02 -6.27
N VAL B 100 -7.06 4.91 -5.13
CA VAL B 100 -6.58 5.56 -3.91
C VAL B 100 -5.26 4.91 -3.44
N ALA B 101 -5.24 3.57 -3.35
CA ALA B 101 -4.00 2.85 -3.02
C ALA B 101 -3.24 2.57 -4.29
N PRO B 102 -1.93 2.94 -4.34
CA PRO B 102 -1.04 2.56 -5.44
C PRO B 102 -0.68 1.07 -5.29
N GLY B 103 0.01 0.50 -6.27
CA GLY B 103 0.51 -0.89 -6.16
C GLY B 103 -0.09 -1.86 -7.16
N GLY B 104 -1.23 -1.48 -7.76
CA GLY B 104 -1.93 -2.33 -8.73
C GLY B 104 -2.17 -3.76 -8.30
N GLY B 105 -1.76 -4.71 -9.13
CA GLY B 105 -1.97 -6.14 -8.83
C GLY B 105 -0.90 -6.82 -7.97
N SER B 106 -0.08 -6.02 -7.30
CA SER B 106 1.09 -6.57 -6.57
C SER B 106 0.89 -6.67 -5.07
N TRP B 107 -0.36 -6.58 -4.62
CA TRP B 107 -0.68 -6.82 -3.20
C TRP B 107 -0.93 -8.30 -2.86
N LEU B 108 -1.10 -9.13 -3.90
CA LEU B 108 -1.36 -10.57 -3.79
C LEU B 108 -0.62 -11.32 -4.88
N GLY B 109 -0.40 -12.61 -4.62
CA GLY B 109 -0.04 -13.55 -5.67
C GLY B 109 -1.33 -14.00 -6.33
N GLY B 110 -1.44 -15.28 -6.63
CA GLY B 110 -2.57 -15.76 -7.43
C GLY B 110 -3.66 -16.35 -6.55
N GLN B 111 -4.90 -16.26 -7.03
CA GLN B 111 -6.05 -16.87 -6.33
C GLN B 111 -6.16 -16.38 -4.87
N LEU B 112 -5.82 -15.11 -4.66
CA LEU B 112 -5.82 -14.46 -3.32
C LEU B 112 -4.73 -14.99 -2.34
N PHE B 113 -3.83 -15.83 -2.83
CA PHE B 113 -2.68 -16.30 -2.03
C PHE B 113 -1.57 -15.23 -2.02
N SER B 114 -0.54 -15.40 -1.19
CA SER B 114 0.38 -14.30 -0.84
C SER B 114 1.76 -14.26 -1.53
N ALA B 115 2.34 -15.44 -1.72
CA ALA B 115 3.78 -15.54 -2.07
C ALA B 115 4.02 -14.99 -3.47
N MET B 116 5.15 -14.32 -3.66
CA MET B 116 5.52 -13.71 -4.94
C MET B 116 6.75 -14.42 -5.52
N VAL B 117 6.57 -15.10 -6.65
CA VAL B 117 7.65 -15.84 -7.33
C VAL B 117 8.31 -14.93 -8.35
N MET B 118 9.65 -14.84 -8.30
CA MET B 118 10.43 -14.08 -9.29
C MET B 118 11.57 -14.95 -9.84
N ARG B 119 11.56 -15.19 -11.15
CA ARG B 119 12.61 -15.98 -11.80
C ARG B 119 13.92 -15.21 -11.87
N LYS B 120 15.05 -15.93 -11.70
CA LYS B 120 16.37 -15.30 -11.88
C LYS B 120 16.51 -14.89 -13.34
N PRO B 121 17.13 -13.70 -13.62
CA PRO B 121 17.91 -12.85 -12.71
C PRO B 121 17.18 -11.67 -12.03
N ALA B 122 15.86 -11.75 -11.89
CA ALA B 122 15.13 -10.70 -11.16
C ALA B 122 15.51 -10.58 -9.67
N HIS B 123 16.11 -11.63 -9.10
CA HIS B 123 16.63 -11.55 -7.72
C HIS B 123 17.69 -10.44 -7.51
N LEU B 124 18.38 -10.03 -8.57
CA LEU B 124 19.34 -8.93 -8.48
C LEU B 124 18.70 -7.58 -8.18
N PHE B 125 17.45 -7.40 -8.62
CA PHE B 125 16.67 -6.19 -8.32
C PHE B 125 16.24 -6.21 -6.85
N LEU B 126 15.84 -7.39 -6.36
CA LEU B 126 15.50 -7.58 -4.93
C LEU B 126 16.70 -7.31 -4.02
N GLN B 127 17.88 -7.77 -4.42
CA GLN B 127 19.11 -7.49 -3.67
C GLN B 127 19.40 -5.97 -3.60
N GLU B 128 19.25 -5.27 -4.73
CA GLU B 128 19.43 -3.83 -4.76
C GLU B 128 18.50 -3.09 -3.78
N LEU B 129 17.25 -3.55 -3.69
CA LEU B 129 16.25 -2.94 -2.82
C LEU B 129 16.29 -3.46 -1.39
N GLU B 130 17.24 -4.36 -1.10
CA GLU B 130 17.37 -5.08 0.20
C GLU B 130 16.13 -5.85 0.66
N ILE B 131 15.38 -6.40 -0.29
CA ILE B 131 14.21 -7.23 0.02
C ILE B 131 14.63 -8.70 0.19
N PRO B 132 14.36 -9.27 1.37
CA PRO B 132 14.69 -10.67 1.66
C PRO B 132 13.83 -11.65 0.85
N TYR B 133 14.39 -12.83 0.57
CA TYR B 133 13.72 -13.86 -0.21
C TYR B 133 14.24 -15.26 0.09
N GLU B 134 13.51 -16.28 -0.34
CA GLU B 134 13.96 -17.69 -0.23
C GLU B 134 14.47 -18.13 -1.59
N ASP B 135 15.73 -18.56 -1.65
CA ASP B 135 16.31 -19.02 -2.92
C ASP B 135 15.88 -20.48 -3.21
N GLU B 136 15.24 -20.69 -4.37
CA GLU B 136 14.80 -22.03 -4.78
C GLU B 136 15.53 -22.57 -6.04
N GLY B 137 16.65 -21.95 -6.39
CA GLY B 137 17.43 -22.39 -7.54
C GLY B 137 17.25 -21.51 -8.75
N ASP B 138 16.33 -21.86 -9.65
CA ASP B 138 16.07 -21.08 -10.85
C ASP B 138 15.13 -19.87 -10.58
N TYR B 139 14.53 -19.85 -9.39
CA TYR B 139 13.63 -18.75 -8.99
C TYR B 139 13.76 -18.50 -7.49
N VAL B 140 13.25 -17.36 -7.04
CA VAL B 140 13.24 -17.00 -5.61
C VAL B 140 11.82 -16.59 -5.22
N VAL B 141 11.54 -16.57 -3.91
CA VAL B 141 10.19 -16.29 -3.43
C VAL B 141 10.22 -15.22 -2.34
N VAL B 142 9.49 -14.12 -2.55
CA VAL B 142 9.26 -13.11 -1.51
C VAL B 142 8.00 -13.55 -0.72
N LYS B 143 8.08 -13.52 0.62
CA LYS B 143 7.06 -14.19 1.43
C LYS B 143 5.66 -13.56 1.38
N HIS B 144 5.59 -12.29 1.00
CA HIS B 144 4.31 -11.63 0.65
C HIS B 144 4.57 -10.63 -0.45
N ALA B 145 3.76 -10.69 -1.52
CA ALA B 145 3.77 -9.70 -2.59
C ALA B 145 3.72 -8.28 -2.01
N ALA B 146 3.00 -8.11 -0.91
CA ALA B 146 2.85 -6.80 -0.24
C ALA B 146 4.19 -6.22 0.27
N LEU B 147 5.13 -7.10 0.62
CA LEU B 147 6.46 -6.68 1.09
C LEU B 147 7.28 -6.08 -0.07
N PHE B 148 7.20 -6.69 -1.25
CA PHE B 148 7.83 -6.09 -2.43
C PHE B 148 7.30 -4.68 -2.73
N ILE B 149 6.00 -4.58 -2.94
CA ILE B 149 5.45 -3.33 -3.42
C ILE B 149 5.57 -2.19 -2.38
N SER B 150 5.38 -2.49 -1.09
CA SER B 150 5.49 -1.44 -0.04
C SER B 150 6.94 -0.97 0.10
N THR B 151 7.90 -1.89 -0.06
CA THR B 151 9.32 -1.48 -0.01
C THR B 151 9.68 -0.50 -1.18
N VAL B 152 9.33 -0.88 -2.42
CA VAL B 152 9.60 0.00 -3.56
C VAL B 152 8.92 1.37 -3.39
N LEU B 153 7.65 1.36 -2.96
CA LEU B 153 6.92 2.62 -2.64
C LEU B 153 7.64 3.51 -1.63
N SER B 154 8.06 2.95 -0.50
CA SER B 154 8.74 3.71 0.53
C SER B 154 9.99 4.41 -0.04
N LYS B 155 10.72 3.70 -0.87
CA LYS B 155 11.99 4.23 -1.40
C LYS B 155 11.80 5.29 -2.50
N VAL B 156 10.89 5.02 -3.44
CA VAL B 156 10.54 5.94 -4.53
C VAL B 156 10.02 7.30 -4.01
N LEU B 157 9.13 7.25 -3.03
CA LEU B 157 8.44 8.45 -2.53
C LEU B 157 9.36 9.40 -1.76
N GLN B 158 10.44 8.88 -1.18
CA GLN B 158 11.43 9.72 -0.48
C GLN B 158 12.24 10.65 -1.37
N LEU B 159 12.28 10.35 -2.67
CA LEU B 159 13.10 11.11 -3.62
C LEU B 159 12.58 12.53 -3.86
N PRO B 160 13.49 13.52 -4.02
CA PRO B 160 13.14 14.95 -3.98
C PRO B 160 12.25 15.48 -5.10
N ASN B 161 12.36 14.91 -6.29
CA ASN B 161 11.59 15.39 -7.45
C ASN B 161 10.59 14.38 -8.02
N VAL B 162 10.16 13.45 -7.17
CA VAL B 162 9.10 12.48 -7.51
C VAL B 162 7.81 12.95 -6.85
N LYS B 163 6.69 12.90 -7.59
CA LYS B 163 5.37 13.22 -7.04
C LYS B 163 4.38 12.11 -7.40
N LEU B 164 3.66 11.60 -6.39
CA LEU B 164 2.55 10.66 -6.64
C LEU B 164 1.18 11.36 -6.53
N PHE B 165 0.53 11.53 -7.68
CA PHE B 165 -0.86 12.04 -7.79
C PHE B 165 -1.80 10.82 -7.84
N ASN B 166 -2.11 10.27 -6.65
CA ASN B 166 -3.10 9.17 -6.57
C ASN B 166 -4.56 9.70 -6.59
N ALA B 167 -5.53 8.78 -6.75
CA ALA B 167 -6.94 9.17 -6.95
C ALA B 167 -7.18 10.05 -8.20
N THR B 168 -6.25 9.97 -9.17
CA THR B 168 -6.21 10.82 -10.36
C THR B 168 -6.04 9.93 -11.58
N CYS B 169 -6.83 10.17 -12.63
N CYS B 169 -6.84 10.13 -12.62
CA CYS B 169 -6.92 9.28 -13.81
CA CYS B 169 -6.70 9.30 -13.79
C CYS B 169 -6.55 9.99 -15.14
C CYS B 169 -6.25 10.08 -15.01
N VAL B 170 -5.72 9.37 -15.98
CA VAL B 170 -5.47 9.90 -17.32
C VAL B 170 -6.68 9.55 -18.23
N GLU B 171 -7.29 10.57 -18.82
CA GLU B 171 -8.50 10.46 -19.65
C GLU B 171 -8.21 10.57 -21.15
N ASP B 172 -7.06 11.13 -21.51
CA ASP B 172 -6.67 11.35 -22.91
C ASP B 172 -5.21 11.78 -22.98
N LEU B 173 -4.69 11.89 -24.21
CA LEU B 173 -3.36 12.44 -24.46
C LEU B 173 -3.43 13.86 -24.98
N VAL B 174 -2.43 14.68 -24.63
CA VAL B 174 -2.20 15.97 -25.28
C VAL B 174 -1.28 15.69 -26.47
N THR B 175 -1.65 16.21 -27.64
CA THR B 175 -0.87 15.91 -28.84
C THR B 175 -0.45 17.18 -29.59
N ARG B 176 0.44 16.98 -30.55
CA ARG B 176 0.74 17.99 -31.57
C ARG B 176 0.52 17.33 -32.94
N PRO B 177 0.39 18.13 -34.02
CA PRO B 177 0.12 17.55 -35.35
C PRO B 177 1.12 16.48 -35.85
N PRO B 178 0.70 15.64 -36.82
CA PRO B 178 1.49 14.52 -37.39
C PRO B 178 2.93 14.83 -37.82
N THR B 179 3.72 13.76 -37.87
CA THR B 179 5.19 13.71 -37.96
C THR B 179 5.94 15.04 -37.99
N VAL B 184 4.33 12.08 -34.97
CA VAL B 184 4.35 12.38 -33.54
C VAL B 184 3.59 13.70 -33.31
N THR B 185 3.55 14.28 -32.11
CA THR B 185 4.16 13.75 -30.89
C THR B 185 3.08 13.73 -29.79
N VAL B 186 3.39 13.01 -28.72
CA VAL B 186 2.68 13.24 -27.47
C VAL B 186 3.33 14.48 -26.84
N ALA B 187 2.53 15.26 -26.13
CA ALA B 187 2.99 16.50 -25.52
C ALA B 187 2.48 16.69 -24.09
N GLY B 188 1.84 15.65 -23.56
CA GLY B 188 1.28 15.69 -22.19
C GLY B 188 0.11 14.73 -22.03
N VAL B 189 -0.57 14.82 -20.88
CA VAL B 189 -1.76 14.00 -20.61
C VAL B 189 -2.92 14.87 -20.08
N VAL B 190 -4.14 14.34 -20.21
CA VAL B 190 -5.37 15.00 -19.77
C VAL B 190 -5.86 14.24 -18.55
N THR B 191 -6.09 14.95 -17.44
CA THR B 191 -6.27 14.35 -16.11
C THR B 191 -7.60 14.78 -15.46
N ASN B 192 -8.12 13.96 -14.55
CA ASN B 192 -9.23 14.36 -13.68
C ASN B 192 -9.20 13.52 -12.40
N TRP B 193 -9.96 13.90 -11.38
CA TRP B 193 -10.20 12.97 -10.29
C TRP B 193 -10.87 11.71 -10.87
N THR B 194 -10.42 10.54 -10.42
CA THR B 194 -10.99 9.26 -10.91
C THR B 194 -12.51 9.18 -10.73
N LEU B 195 -13.00 9.58 -9.56
CA LEU B 195 -14.44 9.57 -9.30
C LEU B 195 -15.24 10.48 -10.24
N VAL B 196 -14.62 11.56 -10.73
CA VAL B 196 -15.25 12.43 -11.74
C VAL B 196 -15.36 11.72 -13.10
N THR B 197 -14.26 11.14 -13.54
CA THR B 197 -14.23 10.40 -14.82
C THR B 197 -15.24 9.25 -14.81
N GLN B 198 -15.37 8.57 -13.67
CA GLN B 198 -16.30 7.45 -13.49
C GLN B 198 -17.74 7.89 -13.29
N ALA B 199 -17.96 9.19 -13.13
CA ALA B 199 -19.30 9.76 -12.99
C ALA B 199 -19.86 10.08 -14.38
N HIS B 200 -21.08 9.63 -14.72
CA HIS B 200 -22.02 8.83 -13.90
C HIS B 200 -23.44 9.32 -14.22
N GLY B 201 -24.14 9.80 -13.19
CA GLY B 201 -25.43 10.45 -13.38
C GLY B 201 -25.36 11.96 -13.20
N THR B 202 -24.23 12.43 -12.68
CA THR B 202 -24.07 13.86 -12.34
C THR B 202 -24.05 14.80 -13.53
N GLN B 203 -24.47 16.04 -13.30
CA GLN B 203 -24.46 17.15 -14.27
C GLN B 203 -23.20 17.12 -15.13
N CYS B 204 -23.38 17.17 -16.44
CA CYS B 204 -22.23 17.16 -17.34
C CYS B 204 -22.16 18.36 -18.28
N MET B 206 -18.18 17.79 -16.40
CA MET B 206 -17.07 18.19 -15.50
C MET B 206 -15.72 18.10 -16.25
N ASP B 207 -15.25 19.25 -16.76
CA ASP B 207 -14.02 19.36 -17.57
C ASP B 207 -12.77 18.81 -16.87
N PRO B 208 -11.76 18.39 -17.66
CA PRO B 208 -10.50 17.93 -17.10
C PRO B 208 -9.44 19.03 -16.90
N ASN B 209 -8.31 18.63 -16.33
CA ASN B 209 -7.08 19.45 -16.28
C ASN B 209 -6.04 18.84 -17.26
N VAL B 210 -4.88 19.47 -17.38
CA VAL B 210 -3.80 19.01 -18.28
C VAL B 210 -2.45 19.09 -17.54
N ILE B 211 -1.56 18.14 -17.83
CA ILE B 211 -0.14 18.20 -17.43
C ILE B 211 0.69 18.14 -18.70
N GLU B 212 1.62 19.08 -18.87
CA GLU B 212 2.37 19.22 -20.12
C GLU B 212 3.79 18.63 -19.97
N LEU B 213 4.34 18.11 -21.08
CA LEU B 213 5.75 17.64 -21.11
C LEU B 213 6.72 18.80 -21.34
N ALA B 214 7.93 18.69 -20.79
CA ALA B 214 9.00 19.66 -21.03
C ALA B 214 9.27 19.76 -22.54
N GLY B 215 9.62 20.96 -22.99
CA GLY B 215 10.08 21.16 -24.37
C GLY B 215 9.34 22.15 -25.26
N TYR B 216 8.41 22.92 -24.69
CA TYR B 216 7.61 23.87 -25.49
C TYR B 216 7.75 25.31 -25.02
N LYS B 217 7.49 26.25 -25.92
CA LYS B 217 7.56 27.68 -25.62
C LYS B 217 6.21 28.21 -25.14
N ASN B 218 6.18 29.46 -24.65
CA ASN B 218 4.93 30.04 -24.16
C ASN B 218 3.84 30.27 -25.20
N ASP B 219 4.20 30.17 -26.48
CA ASP B 219 3.24 30.22 -27.59
C ASP B 219 2.75 28.83 -28.04
N GLY B 220 3.16 27.80 -27.30
CA GLY B 220 2.71 26.42 -27.53
C GLY B 220 3.50 25.62 -28.55
N THR B 221 4.50 26.24 -29.17
CA THR B 221 5.32 25.57 -30.19
C THR B 221 6.60 24.97 -29.59
N ARG B 222 7.15 23.96 -30.27
CA ARG B 222 8.37 23.27 -29.83
C ARG B 222 9.57 24.20 -29.72
N ASP B 223 10.29 24.09 -28.61
CA ASP B 223 11.59 24.73 -28.43
C ASP B 223 12.68 23.69 -28.67
N LEU B 224 13.21 23.68 -29.89
CA LEU B 224 14.19 22.67 -30.32
C LEU B 224 15.50 22.67 -29.51
N SER B 225 15.72 23.72 -28.71
CA SER B 225 16.92 23.78 -27.88
C SER B 225 16.78 22.98 -26.58
N GLN B 226 15.54 22.69 -26.19
CA GLN B 226 15.26 21.95 -24.94
C GLN B 226 14.96 20.48 -25.16
N LYS B 227 15.42 19.66 -24.20
CA LYS B 227 15.15 18.22 -24.20
C LYS B 227 13.66 17.96 -23.99
N HIS B 228 13.04 17.19 -24.87
CA HIS B 228 11.58 16.91 -24.81
C HIS B 228 11.29 15.93 -23.67
N GLY B 229 10.21 16.15 -22.93
CA GLY B 229 9.78 15.17 -21.92
C GLY B 229 9.25 13.87 -22.54
N VAL B 230 9.01 12.86 -21.69
CA VAL B 230 8.48 11.57 -22.19
C VAL B 230 7.30 11.06 -21.33
N ILE B 231 6.48 10.21 -21.94
CA ILE B 231 5.44 9.44 -21.20
C ILE B 231 5.83 7.96 -21.16
N LEU B 232 5.72 7.36 -19.97
CA LEU B 232 5.81 5.92 -19.82
C LEU B 232 4.44 5.42 -19.38
N SER B 233 3.77 4.63 -20.22
CA SER B 233 2.48 4.01 -19.82
C SER B 233 2.63 2.60 -19.31
N THR B 234 2.13 2.36 -18.08
CA THR B 234 2.23 1.07 -17.39
C THR B 234 0.89 0.74 -16.70
N THR B 235 -0.19 0.75 -17.48
CA THR B 235 -1.57 0.60 -16.96
C THR B 235 -2.10 -0.84 -16.96
N GLY B 236 -1.22 -1.81 -17.21
CA GLY B 236 -1.60 -3.22 -17.22
C GLY B 236 -2.42 -3.64 -18.44
N HIS B 237 -2.92 -4.87 -18.43
CA HIS B 237 -3.67 -5.35 -19.60
C HIS B 237 -5.14 -4.96 -19.57
N ASP B 238 -5.79 -5.13 -20.72
CA ASP B 238 -7.13 -4.60 -21.01
C ASP B 238 -8.14 -4.98 -19.94
N GLY B 239 -9.00 -4.02 -19.59
CA GLY B 239 -9.99 -4.22 -18.53
C GLY B 239 -10.76 -2.94 -18.20
N PRO B 240 -10.78 -2.55 -16.91
CA PRO B 240 -11.60 -1.43 -16.41
C PRO B 240 -10.91 -0.09 -16.66
N PHE B 241 -9.85 0.18 -15.90
CA PHE B 241 -8.79 1.05 -16.35
C PHE B 241 -7.62 0.14 -16.64
N GLY B 242 -7.52 -0.29 -17.90
CA GLY B 242 -6.44 -1.16 -18.36
C GLY B 242 -6.04 -0.81 -19.78
N ALA B 243 -4.74 -0.88 -20.05
CA ALA B 243 -4.16 -0.65 -21.37
C ALA B 243 -4.61 0.67 -22.01
N PHE B 244 -4.70 1.71 -21.18
CA PHE B 244 -5.29 2.98 -21.61
C PHE B 244 -4.56 3.65 -22.79
N CYS B 245 -3.25 3.85 -22.65
CA CYS B 245 -2.50 4.60 -23.68
C CYS B 245 -2.33 3.79 -24.95
N ALA B 246 -2.24 2.47 -24.82
CA ALA B 246 -2.16 1.58 -25.98
C ALA B 246 -3.41 1.72 -26.85
N LYS B 247 -4.58 1.65 -26.21
CA LYS B 247 -5.85 1.75 -26.92
C LYS B 247 -6.05 3.15 -27.53
N ARG B 248 -5.67 4.20 -26.79
CA ARG B 248 -5.83 5.57 -27.29
C ARG B 248 -4.97 5.87 -28.51
N ILE B 249 -3.71 5.41 -28.50
CA ILE B 249 -2.83 5.58 -29.67
C ILE B 249 -3.41 4.86 -30.90
N VAL B 250 -3.84 3.62 -30.69
CA VAL B 250 -4.48 2.79 -31.72
C VAL B 250 -5.78 3.41 -32.26
N ASP B 251 -6.54 4.06 -31.36
CA ASP B 251 -7.80 4.71 -31.74
C ASP B 251 -7.53 5.92 -32.65
N ILE B 252 -6.56 6.76 -32.28
CA ILE B 252 -6.20 7.94 -33.06
C ILE B 252 -5.60 7.55 -34.42
N ASP B 253 -4.62 6.65 -34.42
CA ASP B 253 -3.93 6.22 -35.64
C ASP B 253 -4.64 5.05 -36.36
N GLN B 254 -5.02 5.30 -37.61
CA GLN B 254 -5.75 4.31 -38.43
C GLN B 254 -4.90 3.10 -38.82
N ASN B 255 -3.60 3.32 -39.03
CA ASN B 255 -2.71 2.24 -39.44
C ASN B 255 -2.03 1.47 -38.28
N GLN B 256 -2.36 1.85 -37.04
CA GLN B 256 -1.89 1.14 -35.86
C GLN B 256 -3.03 0.32 -35.23
N LYS B 257 -2.79 -0.98 -35.04
CA LYS B 257 -3.81 -1.89 -34.49
C LYS B 257 -3.33 -2.55 -33.18
N LEU B 258 -4.28 -2.86 -32.30
CA LEU B 258 -3.99 -3.52 -31.01
C LEU B 258 -3.78 -5.01 -31.23
N GLY B 259 -2.60 -5.50 -30.83
CA GLY B 259 -2.25 -6.91 -31.00
C GLY B 259 -3.21 -7.87 -30.31
N GLY B 260 -3.58 -7.53 -29.07
CA GLY B 260 -4.44 -8.36 -28.25
C GLY B 260 -3.66 -9.43 -27.52
N MET B 261 -3.76 -9.44 -26.18
CA MET B 261 -3.04 -10.42 -25.35
C MET B 261 -3.50 -11.84 -25.66
N LYS B 262 -2.53 -12.77 -25.78
CA LYS B 262 -2.79 -14.18 -26.09
C LYS B 262 -2.91 -15.02 -24.81
N GLY B 263 -2.89 -16.35 -24.97
CA GLY B 263 -2.99 -17.30 -23.86
C GLY B 263 -1.77 -17.32 -22.96
N LEU B 264 -1.87 -18.03 -21.83
CA LEU B 264 -0.77 -18.04 -20.83
C LEU B 264 0.35 -19.02 -21.21
N ASP B 265 1.59 -18.54 -21.21
CA ASP B 265 2.78 -19.34 -21.56
C ASP B 265 3.98 -18.65 -20.89
N MET B 266 4.38 -19.12 -19.71
CA MET B 266 5.34 -18.37 -18.89
C MET B 266 6.71 -18.16 -19.55
N ASN B 267 7.23 -19.18 -20.21
CA ASN B 267 8.54 -19.05 -20.87
C ASN B 267 8.53 -17.94 -21.91
N HIS B 268 7.58 -17.97 -22.82
CA HIS B 268 7.53 -16.98 -23.88
C HIS B 268 7.05 -15.60 -23.44
N ALA B 269 6.04 -15.54 -22.58
CA ALA B 269 5.53 -14.24 -22.10
C ALA B 269 6.57 -13.38 -21.38
N GLU B 270 7.27 -13.96 -20.42
CA GLU B 270 8.19 -13.17 -19.60
C GLU B 270 9.38 -12.67 -20.44
N HIS B 271 9.89 -13.55 -21.30
CA HIS B 271 10.95 -13.13 -22.23
C HIS B 271 10.49 -11.98 -23.12
N ASP B 272 9.38 -12.17 -23.83
CA ASP B 272 8.86 -11.19 -24.80
C ASP B 272 8.46 -9.85 -24.15
N VAL B 273 7.79 -9.89 -23.00
CA VAL B 273 7.43 -8.63 -22.32
C VAL B 273 8.68 -7.78 -21.96
N VAL B 274 9.72 -8.40 -21.40
CA VAL B 274 10.97 -7.67 -21.11
C VAL B 274 11.58 -7.06 -22.39
N ILE B 275 11.79 -7.89 -23.41
CA ILE B 275 12.39 -7.48 -24.69
C ILE B 275 11.63 -6.35 -25.41
N HIS B 276 10.31 -6.48 -25.51
CA HIS B 276 9.47 -5.50 -26.19
C HIS B 276 9.22 -4.19 -25.43
N SER B 277 9.48 -4.16 -24.12
CA SER B 277 9.31 -2.91 -23.35
C SER B 277 10.26 -1.79 -23.81
N GLY B 278 9.87 -0.55 -23.54
CA GLY B 278 10.62 0.62 -24.01
C GLY B 278 9.90 1.46 -25.06
N ALA B 279 10.69 2.06 -25.95
CA ALA B 279 10.18 3.05 -26.91
C ALA B 279 9.21 2.42 -27.90
N TYR B 280 8.08 3.09 -28.10
CA TYR B 280 7.09 2.69 -29.10
C TYR B 280 7.45 3.27 -30.49
N ALA B 281 7.48 2.40 -31.49
CA ALA B 281 7.95 2.73 -32.86
C ALA B 281 7.18 3.80 -33.65
N GLY B 282 5.86 3.85 -33.48
CA GLY B 282 5.03 4.80 -34.24
C GLY B 282 4.85 6.21 -33.69
N VAL B 283 5.19 6.39 -32.41
CA VAL B 283 5.03 7.68 -31.74
C VAL B 283 6.33 8.04 -31.03
N ASP B 284 6.77 9.29 -31.23
CA ASP B 284 7.97 9.80 -30.56
C ASP B 284 7.68 10.09 -29.09
N ASN B 285 8.71 9.94 -28.25
CA ASN B 285 8.66 10.29 -26.82
C ASN B 285 7.63 9.48 -26.00
N MET B 286 7.28 8.30 -26.50
CA MET B 286 6.27 7.41 -25.93
C MET B 286 6.90 6.06 -25.61
N TYR B 287 6.71 5.59 -24.37
CA TYR B 287 7.30 4.34 -23.88
C TYR B 287 6.26 3.49 -23.16
N PHE B 288 6.48 2.17 -23.13
CA PHE B 288 5.59 1.19 -22.49
C PHE B 288 6.37 0.17 -21.66
N ALA B 289 5.76 -0.31 -20.56
CA ALA B 289 6.28 -1.48 -19.84
C ALA B 289 5.12 -2.31 -19.24
N GLY B 290 5.47 -3.47 -18.66
CA GLY B 290 4.51 -4.36 -17.99
C GLY B 290 3.49 -4.99 -18.93
N MET B 291 2.37 -5.47 -18.38
CA MET B 291 1.36 -6.16 -19.23
C MET B 291 0.67 -5.32 -20.33
N GLU B 292 0.75 -3.99 -20.24
CA GLU B 292 0.27 -3.13 -21.34
C GLU B 292 1.00 -3.43 -22.68
N VAL B 293 2.28 -3.77 -22.59
CA VAL B 293 3.09 -4.17 -23.76
C VAL B 293 2.52 -5.44 -24.43
N ALA B 294 2.01 -6.37 -23.61
CA ALA B 294 1.44 -7.61 -24.14
C ALA B 294 0.15 -7.38 -24.94
N GLU B 295 -0.65 -6.42 -24.49
CA GLU B 295 -1.87 -6.02 -25.23
C GLU B 295 -1.51 -5.35 -26.55
N LEU B 296 -0.63 -4.36 -26.48
CA LEU B 296 -0.19 -3.61 -27.65
C LEU B 296 0.45 -4.50 -28.72
N ASP B 297 1.39 -5.35 -28.32
CA ASP B 297 2.18 -6.16 -29.25
C ASP B 297 1.67 -7.60 -29.49
N GLY B 298 0.53 -7.94 -28.90
CA GLY B 298 -0.03 -9.30 -29.03
C GLY B 298 0.84 -10.42 -28.48
N LEU B 299 1.26 -10.30 -27.23
CA LEU B 299 2.14 -11.28 -26.58
C LEU B 299 1.35 -12.18 -25.62
N ASN B 300 1.97 -13.27 -25.18
CA ASN B 300 1.37 -14.18 -24.19
C ASN B 300 1.24 -13.51 -22.82
N ARG B 301 0.39 -14.05 -21.95
CA ARG B 301 0.33 -13.61 -20.55
C ARG B 301 1.11 -14.58 -19.67
N MET B 302 1.37 -14.22 -18.40
CA MET B 302 2.17 -15.10 -17.54
C MET B 302 1.52 -15.48 -16.20
N GLY B 303 0.44 -14.81 -15.83
CA GLY B 303 -0.22 -15.11 -14.57
C GLY B 303 0.63 -14.78 -13.36
N PRO B 304 0.68 -15.68 -12.36
CA PRO B 304 1.17 -15.35 -11.01
C PRO B 304 2.71 -15.45 -10.84
N THR B 305 3.44 -14.76 -11.70
CA THR B 305 4.91 -14.67 -11.63
C THR B 305 5.28 -13.22 -12.01
N PHE B 306 6.29 -12.66 -11.35
CA PHE B 306 6.50 -11.20 -11.28
C PHE B 306 7.85 -10.64 -11.76
N GLY B 307 8.78 -11.52 -12.11
CA GLY B 307 10.10 -11.08 -12.56
C GLY B 307 10.06 -10.16 -13.78
N ALA B 308 9.23 -10.50 -14.78
CA ALA B 308 9.13 -9.68 -15.98
C ALA B 308 8.55 -8.29 -15.72
N MET B 309 7.66 -8.15 -14.73
CA MET B 309 7.13 -6.82 -14.43
C MET B 309 8.23 -5.88 -13.93
N ALA B 310 9.04 -6.35 -12.97
CA ALA B 310 10.14 -5.55 -12.45
C ALA B 310 11.20 -5.26 -13.53
N LEU B 311 11.61 -6.31 -14.25
CA LEU B 311 12.69 -6.15 -15.23
C LEU B 311 12.29 -5.40 -16.50
N SER B 312 11.01 -5.51 -16.90
CA SER B 312 10.52 -4.68 -18.01
C SER B 312 10.52 -3.19 -17.64
N GLY B 313 10.24 -2.88 -16.38
CA GLY B 313 10.42 -1.53 -15.87
C GLY B 313 11.87 -1.06 -15.93
N VAL B 314 12.78 -1.97 -15.58
CA VAL B 314 14.23 -1.68 -15.63
C VAL B 314 14.65 -1.33 -17.07
N HIS B 315 14.23 -2.16 -18.03
CA HIS B 315 14.55 -1.93 -19.47
C HIS B 315 14.01 -0.60 -20.01
N ALA B 316 12.73 -0.30 -19.77
CA ALA B 316 12.19 1.01 -20.15
C ALA B 316 12.98 2.15 -19.48
N ALA B 317 13.34 2.00 -18.21
CA ALA B 317 14.10 3.04 -17.50
C ALA B 317 15.46 3.28 -18.17
N GLU B 318 16.11 2.22 -18.62
CA GLU B 318 17.42 2.35 -19.30
C GLU B 318 17.26 3.22 -20.56
N GLN B 319 16.24 2.93 -21.38
CA GLN B 319 15.99 3.67 -22.62
C GLN B 319 15.66 5.14 -22.38
N ILE B 320 14.85 5.40 -21.35
CA ILE B 320 14.50 6.77 -21.00
C ILE B 320 15.71 7.57 -20.49
N LEU B 321 16.50 6.95 -19.62
CA LEU B 321 17.73 7.57 -19.11
C LEU B 321 18.73 7.92 -20.24
N LYS B 322 18.83 7.04 -21.24
CA LYS B 322 19.67 7.30 -22.42
C LYS B 322 19.19 8.50 -23.27
N HIS B 323 17.86 8.65 -23.41
CA HIS B 323 17.27 9.85 -24.00
C HIS B 323 17.70 11.16 -23.31
N PHE B 324 17.75 11.17 -21.98
CA PHE B 324 18.04 12.39 -21.21
C PHE B 324 19.55 12.64 -20.99
N ALA B 325 20.37 11.66 -21.34
CA ALA B 325 21.84 11.78 -21.15
C ALA B 325 22.46 12.76 -22.14
N ALA B 326 22.02 12.69 -23.40
CA ALA B 326 22.60 13.50 -24.49
C ALA B 326 24.13 13.70 -24.39
#